data_3RQ5
#
_entry.id   3RQ5
#
_cell.length_a   91.765
_cell.length_b   91.765
_cell.length_c   169.498
_cell.angle_alpha   90.000
_cell.angle_beta   90.000
_cell.angle_gamma   90.000
#
_symmetry.space_group_name_H-M   'I 4 2 2'
#
loop_
_entity.id
_entity.type
_entity.pdbx_description
1 polymer 'ADP/ATP-dependent NAD(P)H-hydrate dehydratase'
2 non-polymer 'COENZYME A'
3 non-polymer GLYCEROL
4 water water
#
_entity_poly.entity_id   1
_entity_poly.type   'polypeptide(L)'
_entity_poly.pdbx_seq_one_letter_code
;SNAMNVPFWTEEHVRATLPERDAESHKGTYGTALLLAGSDDMPGAALLAGLGAMRSGLGKLVIGTSENVIPLIVPVLPEA
TYWRDGWKKAADAQLEETYRAIAIGPGLPQTESVQQAVDHVLTADCPVILDAGALAKRTYPKREGPVILTPHPGEFFRMT
GVPVNELQKKRAEYAKEWAAQLQTVIVLKGNQTVIAFPDGDCWLNPTGNGALAKGGTGDTLTGMILGMLCCHEDPKHAVL
NAVYLHGACAELWTDEHSAHTLLAHELSDILPRVWKRFE
;
_entity_poly.pdbx_strand_id   A
#
# COMPACT_ATOMS: atom_id res chain seq x y z
N MET A 4 18.24 -7.52 15.77
CA MET A 4 17.78 -8.89 15.41
C MET A 4 18.44 -9.36 14.08
N ASN A 5 19.33 -8.54 13.54
CA ASN A 5 19.93 -8.84 12.24
C ASN A 5 18.91 -9.15 11.14
N VAL A 6 18.01 -8.23 10.90
CA VAL A 6 17.03 -8.41 9.86
C VAL A 6 17.71 -8.08 8.52
N PRO A 7 17.58 -8.96 7.52
CA PRO A 7 18.27 -8.65 6.26
C PRO A 7 17.58 -7.56 5.45
N PHE A 8 18.37 -6.86 4.62
CA PHE A 8 17.80 -5.91 3.67
C PHE A 8 17.30 -6.62 2.40
N TRP A 9 16.19 -6.14 1.87
CA TRP A 9 15.73 -6.56 0.55
C TRP A 9 16.53 -5.73 -0.43
N THR A 10 17.57 -6.32 -1.02
CA THR A 10 18.53 -5.57 -1.80
C THR A 10 18.20 -5.50 -3.30
N GLU A 11 18.94 -4.64 -3.99
CA GLU A 11 18.85 -4.55 -5.46
C GLU A 11 18.88 -5.93 -6.14
N GLU A 12 19.72 -6.82 -5.65
CA GLU A 12 19.87 -8.13 -6.27
C GLU A 12 18.57 -8.93 -6.15
N HIS A 13 17.92 -8.84 -4.99
CA HIS A 13 16.62 -9.47 -4.77
C HIS A 13 15.50 -8.88 -5.67
N VAL A 14 15.48 -7.57 -5.78
CA VAL A 14 14.56 -6.86 -6.66
C VAL A 14 14.73 -7.34 -8.10
N ARG A 15 15.95 -7.31 -8.59
CA ARG A 15 16.18 -7.69 -10.00
C ARG A 15 15.77 -9.12 -10.28
N ALA A 16 16.04 -10.00 -9.32
CA ALA A 16 15.72 -11.42 -9.46
C ALA A 16 14.23 -11.74 -9.46
N THR A 17 13.42 -10.82 -8.93
CA THR A 17 11.99 -11.09 -8.65
C THR A 17 10.99 -10.23 -9.42
N LEU A 18 11.41 -9.13 -10.01
CA LEU A 18 10.47 -8.30 -10.78
C LEU A 18 10.03 -9.07 -12.02
N PRO A 19 8.75 -8.94 -12.38
CA PRO A 19 8.20 -9.70 -13.48
C PRO A 19 8.55 -9.06 -14.82
N GLU A 20 8.55 -9.89 -15.85
CA GLU A 20 8.57 -9.39 -17.23
C GLU A 20 7.17 -9.05 -17.68
N ARG A 21 7.04 -8.12 -18.63
CA ARG A 21 5.73 -7.88 -19.25
C ARG A 21 5.68 -8.41 -20.67
N ASP A 22 5.34 -9.68 -20.83
CA ASP A 22 5.47 -10.37 -22.11
C ASP A 22 4.32 -10.01 -23.09
N THR A 29 -3.29 -12.83 -17.43
CA THR A 29 -3.33 -11.40 -17.69
C THR A 29 -2.74 -10.64 -16.47
N TYR A 30 -2.67 -9.32 -16.58
CA TYR A 30 -2.27 -8.47 -15.45
C TYR A 30 -3.59 -8.18 -14.77
N GLY A 31 -3.61 -8.13 -13.47
CA GLY A 31 -4.94 -8.27 -12.84
C GLY A 31 -5.78 -6.99 -12.86
N THR A 32 -7.06 -7.12 -12.51
CA THR A 32 -7.92 -5.99 -12.19
C THR A 32 -7.86 -5.73 -10.67
N ALA A 33 -7.48 -4.52 -10.30
CA ALA A 33 -7.42 -4.11 -8.91
C ALA A 33 -8.64 -3.26 -8.54
N LEU A 34 -9.01 -3.34 -7.26
CA LEU A 34 -10.02 -2.47 -6.67
C LEU A 34 -9.33 -1.59 -5.63
N LEU A 35 -9.54 -0.28 -5.76
CA LEU A 35 -9.04 0.72 -4.78
C LEU A 35 -10.24 1.40 -4.11
N LEU A 36 -10.39 1.17 -2.80
CA LEU A 36 -11.44 1.77 -2.01
C LEU A 36 -10.76 2.89 -1.21
N ALA A 37 -10.91 4.12 -1.68
CA ALA A 37 -10.14 5.24 -1.16
C ALA A 37 -10.78 6.54 -1.54
N GLY A 38 -10.51 7.56 -0.74
CA GLY A 38 -10.87 8.96 -1.03
C GLY A 38 -12.27 9.28 -0.53
N SER A 39 -12.37 10.34 0.24
CA SER A 39 -13.65 10.79 0.76
C SER A 39 -13.73 12.25 0.52
N ASP A 40 -14.94 12.79 0.65
CA ASP A 40 -15.16 14.18 0.34
C ASP A 40 -14.20 15.04 1.14
N ASP A 41 -13.94 14.65 2.37
CA ASP A 41 -13.08 15.45 3.23
C ASP A 41 -11.56 15.20 2.95
N MET A 42 -11.22 14.01 2.43
CA MET A 42 -9.81 13.64 2.11
C MET A 42 -9.73 13.03 0.68
N PRO A 43 -9.87 13.87 -0.35
CA PRO A 43 -10.04 13.35 -1.70
C PRO A 43 -8.73 12.93 -2.35
N GLY A 44 -7.65 13.64 -2.00
CA GLY A 44 -6.41 13.49 -2.74
C GLY A 44 -5.78 12.13 -2.64
N ALA A 45 -6.05 11.45 -1.52
CA ALA A 45 -5.47 10.12 -1.34
C ALA A 45 -5.88 9.14 -2.45
N ALA A 46 -7.09 9.29 -2.98
CA ALA A 46 -7.53 8.43 -4.05
C ALA A 46 -6.75 8.65 -5.35
N LEU A 47 -6.42 9.89 -5.68
CA LEU A 47 -5.68 10.19 -6.87
C LEU A 47 -4.24 9.64 -6.67
N LEU A 48 -3.67 9.87 -5.50
CA LEU A 48 -2.29 9.42 -5.22
C LEU A 48 -2.18 7.88 -5.31
N ALA A 49 -3.11 7.20 -4.65
CA ALA A 49 -3.09 5.74 -4.66
C ALA A 49 -3.46 5.21 -6.03
N GLY A 50 -4.33 5.89 -6.74
CA GLY A 50 -4.71 5.46 -8.10
C GLY A 50 -3.59 5.54 -9.09
N LEU A 51 -2.82 6.62 -9.05
CA LEU A 51 -1.66 6.82 -9.91
C LEU A 51 -0.63 5.77 -9.55
N GLY A 52 -0.38 5.57 -8.25
CA GLY A 52 0.61 4.56 -7.86
C GLY A 52 0.24 3.18 -8.36
N ALA A 53 -1.05 2.84 -8.31
CA ALA A 53 -1.52 1.51 -8.71
C ALA A 53 -1.42 1.33 -10.22
N MET A 54 -1.89 2.33 -11.00
CA MET A 54 -1.83 2.18 -12.45
C MET A 54 -0.43 2.23 -13.00
N ARG A 55 0.45 2.95 -12.31
CA ARG A 55 1.85 2.96 -12.68
C ARG A 55 2.54 1.62 -12.38
N SER A 56 1.94 0.76 -11.57
CA SER A 56 2.64 -0.40 -11.03
C SER A 56 2.25 -1.75 -11.64
N GLY A 57 1.85 -1.76 -12.90
CA GLY A 57 1.76 -3.01 -13.65
C GLY A 57 0.47 -3.79 -13.63
N LEU A 58 -0.59 -3.21 -13.09
CA LEU A 58 -1.89 -3.83 -13.18
C LEU A 58 -2.42 -3.80 -14.62
N GLY A 59 -3.52 -4.51 -14.86
CA GLY A 59 -4.22 -4.46 -16.16
C GLY A 59 -5.35 -3.45 -16.19
N LYS A 60 -6.13 -3.36 -15.10
CA LYS A 60 -7.26 -2.45 -15.01
C LYS A 60 -7.35 -2.00 -13.55
N LEU A 61 -7.81 -0.77 -13.32
CA LEU A 61 -8.10 -0.26 -12.00
C LEU A 61 -9.55 0.23 -11.90
N VAL A 62 -10.23 -0.29 -10.89
CA VAL A 62 -11.54 0.24 -10.46
C VAL A 62 -11.34 0.98 -9.15
N ILE A 63 -11.73 2.25 -9.14
CA ILE A 63 -11.64 3.12 -7.96
C ILE A 63 -13.04 3.26 -7.38
N GLY A 64 -13.24 2.71 -6.19
CA GLY A 64 -14.49 2.87 -5.46
C GLY A 64 -14.39 4.05 -4.51
N THR A 65 -14.55 5.23 -5.04
CA THR A 65 -14.40 6.44 -4.24
C THR A 65 -15.77 7.11 -4.14
N SER A 66 -15.84 8.12 -3.28
CA SER A 66 -17.02 8.92 -3.16
C SER A 66 -17.36 9.59 -4.47
N GLU A 67 -18.65 9.74 -4.77
CA GLU A 67 -19.09 10.30 -6.00
C GLU A 67 -18.44 11.66 -6.32
N ASN A 68 -18.30 12.52 -5.33
CA ASN A 68 -17.75 13.85 -5.57
C ASN A 68 -16.24 13.88 -5.75
N VAL A 69 -15.59 12.76 -5.47
CA VAL A 69 -14.14 12.63 -5.68
C VAL A 69 -13.79 12.20 -7.13
N ILE A 70 -14.70 11.44 -7.74
CA ILE A 70 -14.49 10.97 -9.13
C ILE A 70 -14.01 12.05 -10.09
N PRO A 71 -14.72 13.17 -10.18
CA PRO A 71 -14.32 14.20 -11.14
C PRO A 71 -12.92 14.80 -10.89
N LEU A 72 -12.40 14.64 -9.68
CA LEU A 72 -11.07 15.15 -9.32
C LEU A 72 -9.95 14.24 -9.79
N ILE A 73 -10.28 12.98 -10.10
CA ILE A 73 -9.30 12.01 -10.54
C ILE A 73 -9.19 11.96 -12.04
N VAL A 74 -10.34 11.99 -12.70
CA VAL A 74 -10.41 11.75 -14.15
C VAL A 74 -9.40 12.52 -15.00
N PRO A 75 -9.28 13.85 -14.82
CA PRO A 75 -8.37 14.59 -15.72
C PRO A 75 -6.92 14.18 -15.57
N VAL A 76 -6.56 13.66 -14.40
CA VAL A 76 -5.17 13.27 -14.13
C VAL A 76 -4.91 11.78 -14.46
N LEU A 77 -5.95 10.97 -14.26
CA LEU A 77 -5.86 9.52 -14.42
C LEU A 77 -7.08 9.02 -15.21
N PRO A 78 -7.16 9.39 -16.50
CA PRO A 78 -8.38 9.03 -17.26
C PRO A 78 -8.44 7.53 -17.59
N GLU A 79 -7.38 6.79 -17.24
CA GLU A 79 -7.34 5.35 -17.45
C GLU A 79 -8.07 4.53 -16.42
N ALA A 80 -8.39 5.13 -15.26
CA ALA A 80 -9.14 4.43 -14.20
C ALA A 80 -10.61 4.41 -14.54
N THR A 81 -11.26 3.36 -14.08
CA THR A 81 -12.73 3.32 -14.07
C THR A 81 -13.21 3.34 -12.64
N TYR A 82 -14.53 3.41 -12.46
CA TYR A 82 -15.12 3.74 -11.12
C TYR A 82 -16.23 2.79 -10.68
N TRP A 83 -16.33 2.62 -9.37
CA TRP A 83 -17.45 2.04 -8.71
C TRP A 83 -17.94 3.16 -7.80
N ARG A 84 -19.00 3.84 -8.23
CA ARG A 84 -19.42 5.07 -7.57
C ARG A 84 -19.81 4.79 -6.12
N ASP A 85 -19.25 5.55 -5.18
CA ASP A 85 -19.45 5.31 -3.72
C ASP A 85 -19.12 3.88 -3.29
N GLY A 86 -18.15 3.28 -3.97
CA GLY A 86 -17.83 1.90 -3.72
C GLY A 86 -17.43 1.56 -2.29
N TRP A 87 -16.60 2.39 -1.66
CA TRP A 87 -16.15 2.09 -0.30
C TRP A 87 -17.34 2.11 0.67
N LYS A 88 -18.31 2.93 0.38
CA LYS A 88 -19.55 2.97 1.19
C LYS A 88 -20.44 1.75 0.91
N LYS A 89 -20.62 1.42 -0.36
CA LYS A 89 -21.39 0.22 -0.76
C LYS A 89 -20.80 -1.08 -0.23
N ALA A 90 -19.47 -1.14 -0.13
CA ALA A 90 -18.76 -2.33 0.39
C ALA A 90 -19.10 -2.60 1.86
N ALA A 91 -19.57 -1.58 2.58
CA ALA A 91 -20.02 -1.78 3.97
C ALA A 91 -21.26 -2.69 4.06
N ASP A 92 -22.08 -2.71 3.00
CA ASP A 92 -23.36 -3.41 3.00
C ASP A 92 -23.37 -4.79 2.38
N ALA A 93 -22.38 -5.17 1.59
CA ALA A 93 -22.48 -6.49 0.94
C ALA A 93 -21.15 -6.93 0.41
N GLN A 94 -21.08 -8.23 0.17
CA GLN A 94 -19.89 -8.88 -0.35
C GLN A 94 -19.72 -8.35 -1.75
N LEU A 95 -18.47 -8.25 -2.19
CA LEU A 95 -18.21 -7.89 -3.57
C LEU A 95 -18.74 -9.01 -4.50
N GLU A 96 -19.37 -8.62 -5.61
CA GLU A 96 -19.81 -9.56 -6.63
C GLU A 96 -18.80 -9.78 -7.77
N GLU A 97 -17.90 -8.82 -7.97
CA GLU A 97 -16.86 -8.96 -9.02
C GLU A 97 -15.60 -9.52 -8.39
N THR A 98 -14.78 -10.18 -9.22
CA THR A 98 -13.54 -10.80 -8.76
C THR A 98 -12.40 -9.83 -9.09
N TYR A 99 -11.53 -9.62 -8.13
CA TYR A 99 -10.38 -8.76 -8.30
C TYR A 99 -9.14 -9.53 -8.02
N ARG A 100 -8.04 -9.12 -8.66
CA ARG A 100 -6.75 -9.74 -8.40
C ARG A 100 -6.17 -9.30 -7.05
N ALA A 101 -6.47 -8.07 -6.67
CA ALA A 101 -6.06 -7.49 -5.38
C ALA A 101 -6.94 -6.30 -5.04
N ILE A 102 -7.04 -6.02 -3.74
CA ILE A 102 -7.89 -4.93 -3.22
C ILE A 102 -7.09 -4.12 -2.21
N ALA A 103 -7.19 -2.81 -2.31
CA ALA A 103 -6.71 -1.91 -1.25
C ALA A 103 -7.86 -1.07 -0.69
N ILE A 104 -7.85 -0.87 0.64
CA ILE A 104 -8.84 -0.06 1.32
C ILE A 104 -8.20 0.85 2.35
N GLY A 105 -8.64 2.10 2.40
CA GLY A 105 -8.23 3.01 3.50
C GLY A 105 -7.72 4.41 3.21
N PRO A 106 -6.86 4.56 2.19
CA PRO A 106 -6.31 5.90 1.98
C PRO A 106 -7.46 6.92 1.83
N GLY A 107 -7.37 7.99 2.57
CA GLY A 107 -8.42 9.01 2.57
C GLY A 107 -9.77 8.64 3.12
N LEU A 108 -9.87 7.51 3.82
CA LEU A 108 -11.11 7.14 4.46
C LEU A 108 -11.04 7.46 5.94
N PRO A 109 -12.17 7.80 6.52
CA PRO A 109 -12.25 8.06 7.96
C PRO A 109 -12.09 6.80 8.78
N GLN A 110 -11.67 6.97 10.04
CA GLN A 110 -11.44 5.84 10.93
C GLN A 110 -12.76 5.47 11.59
N THR A 111 -13.67 4.88 10.84
CA THR A 111 -15.01 4.65 11.37
C THR A 111 -15.39 3.15 11.34
N GLU A 112 -16.46 2.82 12.05
CA GLU A 112 -17.02 1.50 12.05
C GLU A 112 -17.48 1.08 10.67
N SER A 113 -18.00 2.02 9.87
CA SER A 113 -18.50 1.69 8.52
C SER A 113 -17.36 1.25 7.61
N VAL A 114 -16.19 1.85 7.79
CA VAL A 114 -15.00 1.45 7.05
C VAL A 114 -14.59 0.04 7.48
N GLN A 115 -14.71 -0.28 8.77
CA GLN A 115 -14.41 -1.64 9.22
C GLN A 115 -15.41 -2.66 8.67
N GLN A 116 -16.69 -2.27 8.53
CA GLN A 116 -17.66 -3.13 7.87
C GLN A 116 -17.29 -3.43 6.43
N ALA A 117 -16.79 -2.42 5.71
CA ALA A 117 -16.29 -2.63 4.35
C ALA A 117 -15.06 -3.56 4.35
N VAL A 118 -14.14 -3.35 5.29
CA VAL A 118 -12.99 -4.28 5.46
C VAL A 118 -13.48 -5.71 5.63
N ASP A 119 -14.48 -5.92 6.50
CA ASP A 119 -14.97 -7.28 6.76
C ASP A 119 -15.50 -7.92 5.50
N HIS A 120 -16.22 -7.15 4.70
CA HIS A 120 -16.75 -7.66 3.46
C HIS A 120 -15.68 -7.94 2.43
N VAL A 121 -14.70 -7.07 2.30
CA VAL A 121 -13.60 -7.24 1.35
C VAL A 121 -12.80 -8.52 1.68
N LEU A 122 -12.63 -8.79 2.97
CA LEU A 122 -11.87 -9.96 3.40
C LEU A 122 -12.51 -11.31 3.03
N THR A 123 -13.80 -11.34 2.70
CA THR A 123 -14.40 -12.56 2.21
C THR A 123 -14.00 -12.89 0.76
N ALA A 124 -13.44 -11.94 0.03
CA ALA A 124 -12.86 -12.24 -1.30
C ALA A 124 -11.59 -13.11 -1.17
N ASP A 125 -11.25 -13.79 -2.26
CA ASP A 125 -10.06 -14.63 -2.30
C ASP A 125 -9.04 -13.86 -3.11
N CYS A 126 -8.39 -12.90 -2.47
CA CYS A 126 -7.29 -12.17 -3.08
C CYS A 126 -6.51 -11.48 -1.98
N PRO A 127 -5.28 -11.04 -2.28
CA PRO A 127 -4.57 -10.19 -1.32
C PRO A 127 -5.33 -8.88 -1.07
N VAL A 128 -5.31 -8.42 0.19
CA VAL A 128 -5.98 -7.20 0.55
C VAL A 128 -5.00 -6.34 1.34
N ILE A 129 -4.94 -5.05 1.00
CA ILE A 129 -4.13 -4.05 1.70
C ILE A 129 -5.05 -3.14 2.51
N LEU A 130 -4.69 -2.93 3.79
CA LEU A 130 -5.37 -1.98 4.66
C LEU A 130 -4.40 -0.91 5.04
N ASP A 131 -4.85 0.34 4.90
CA ASP A 131 -4.02 1.51 5.16
C ASP A 131 -4.89 2.59 5.81
N ALA A 132 -4.25 3.51 6.50
CA ALA A 132 -4.88 4.77 6.93
C ALA A 132 -6.15 4.51 7.70
N GLY A 133 -7.30 4.97 7.21
CA GLY A 133 -8.55 4.87 7.95
C GLY A 133 -9.04 3.45 8.18
N ALA A 134 -8.51 2.49 7.40
CA ALA A 134 -8.88 1.09 7.54
C ALA A 134 -8.06 0.38 8.61
N LEU A 135 -7.02 1.06 9.13
CA LEU A 135 -6.21 0.50 10.21
C LEU A 135 -6.85 0.74 11.59
N ALA A 136 -7.06 -0.34 12.32
CA ALA A 136 -7.69 -0.30 13.63
C ALA A 136 -7.15 -1.42 14.49
N LYS A 137 -7.41 -1.34 15.80
CA LYS A 137 -7.16 -2.46 16.70
C LYS A 137 -8.21 -3.53 16.46
N ARG A 138 -7.80 -4.68 15.95
CA ARG A 138 -8.76 -5.72 15.57
C ARG A 138 -8.03 -7.03 15.30
N THR A 139 -8.78 -8.11 15.05
CA THR A 139 -8.19 -9.34 14.57
C THR A 139 -8.75 -9.67 13.17
N TYR A 140 -8.22 -10.72 12.56
CA TYR A 140 -8.42 -11.01 11.12
C TYR A 140 -8.83 -12.45 10.92
N PRO A 141 -9.75 -12.70 9.98
CA PRO A 141 -10.27 -14.05 9.78
C PRO A 141 -9.32 -14.91 8.97
N LYS A 142 -9.32 -16.22 9.23
CA LYS A 142 -8.54 -17.12 8.39
C LYS A 142 -9.12 -17.00 6.99
N ARG A 143 -8.26 -16.82 5.98
CA ARG A 143 -8.76 -16.65 4.60
C ARG A 143 -7.74 -17.06 3.58
N GLU A 144 -8.15 -17.13 2.30
CA GLU A 144 -7.16 -17.21 1.25
C GLU A 144 -6.84 -15.80 0.83
N GLY A 145 -5.54 -15.58 0.86
CA GLY A 145 -4.93 -14.38 0.43
C GLY A 145 -4.37 -13.66 1.64
N PRO A 146 -3.19 -13.08 1.49
CA PRO A 146 -2.59 -12.30 2.55
C PRO A 146 -3.35 -11.00 2.83
N VAL A 147 -3.25 -10.55 4.08
CA VAL A 147 -3.73 -9.24 4.47
C VAL A 147 -2.48 -8.44 4.76
N ILE A 148 -2.36 -7.27 4.15
CA ILE A 148 -1.15 -6.46 4.25
C ILE A 148 -1.51 -5.12 4.89
N LEU A 149 -0.94 -4.85 6.06
CA LEU A 149 -1.17 -3.62 6.82
C LEU A 149 0.00 -2.69 6.60
N THR A 150 -0.26 -1.39 6.35
CA THR A 150 0.81 -0.42 6.08
C THR A 150 0.81 0.77 7.07
N PRO A 151 1.00 0.49 8.36
CA PRO A 151 1.00 1.59 9.35
C PRO A 151 2.28 2.43 9.43
N HIS A 152 2.11 3.76 9.60
CA HIS A 152 3.14 4.62 10.20
C HIS A 152 3.17 4.27 11.69
N PRO A 153 4.22 4.68 12.41
CA PRO A 153 4.30 4.32 13.84
C PRO A 153 3.08 4.72 14.66
N GLY A 154 2.49 5.89 14.39
CA GLY A 154 1.26 6.28 15.08
C GLY A 154 0.09 5.37 14.84
N GLU A 155 -0.03 4.86 13.61
CA GLU A 155 -1.09 3.91 13.30
C GLU A 155 -0.82 2.55 13.96
N PHE A 156 0.46 2.17 14.05
CA PHE A 156 0.85 0.97 14.77
C PHE A 156 0.46 1.04 16.24
N PHE A 157 0.66 2.20 16.86
CA PHE A 157 0.18 2.45 18.22
C PHE A 157 -1.36 2.24 18.32
N ARG A 158 -2.10 2.79 17.36
CA ARG A 158 -3.55 2.60 17.29
C ARG A 158 -3.92 1.10 17.21
N MET A 159 -3.16 0.35 16.40
CA MET A 159 -3.40 -1.10 16.18
C MET A 159 -3.08 -1.96 17.42
N THR A 160 -2.05 -1.59 18.17
CA THR A 160 -1.44 -2.49 19.13
C THR A 160 -1.38 -1.99 20.56
N GLY A 161 -1.53 -0.69 20.79
CA GLY A 161 -1.24 -0.08 22.08
C GLY A 161 0.23 0.07 22.43
N VAL A 162 1.14 -0.31 21.54
CA VAL A 162 2.57 -0.05 21.79
C VAL A 162 2.89 1.43 21.53
N PRO A 163 3.25 2.18 22.58
CA PRO A 163 3.48 3.61 22.36
C PRO A 163 4.61 3.85 21.36
N VAL A 164 4.55 4.97 20.63
CA VAL A 164 5.49 5.28 19.57
C VAL A 164 6.94 5.38 20.06
N ASN A 165 7.14 6.03 21.20
CA ASN A 165 8.51 6.14 21.71
C ASN A 165 9.15 4.79 22.04
N GLU A 166 8.35 3.80 22.41
CA GLU A 166 8.85 2.45 22.67
C GLU A 166 9.04 1.65 21.38
N LEU A 167 8.03 1.75 20.51
CA LEU A 167 8.06 1.11 19.21
C LEU A 167 9.34 1.44 18.49
N GLN A 168 9.72 2.73 18.53
CA GLN A 168 10.78 3.20 17.66
C GLN A 168 12.14 2.72 18.13
N LYS A 169 12.25 2.18 19.36
CA LYS A 169 13.49 1.58 19.84
C LYS A 169 13.71 0.15 19.37
N LYS A 170 12.65 -0.52 18.98
CA LYS A 170 12.70 -1.95 18.63
C LYS A 170 11.74 -2.25 17.49
N ARG A 171 11.86 -1.50 16.41
CA ARG A 171 10.83 -1.53 15.36
C ARG A 171 10.62 -2.92 14.76
N ALA A 172 11.70 -3.60 14.39
CA ALA A 172 11.57 -4.91 13.73
C ALA A 172 11.03 -5.95 14.73
N GLU A 173 11.48 -5.90 15.98
CA GLU A 173 10.99 -6.86 16.98
C GLU A 173 9.47 -6.71 17.14
N TYR A 174 8.98 -5.47 17.27
CA TYR A 174 7.53 -5.26 17.40
C TYR A 174 6.76 -5.62 16.13
N ALA A 175 7.26 -5.22 14.97
CA ALA A 175 6.60 -5.52 13.72
C ALA A 175 6.49 -7.04 13.55
N LYS A 176 7.57 -7.76 13.83
CA LYS A 176 7.60 -9.22 13.69
C LYS A 176 6.60 -9.89 14.66
N GLU A 177 6.62 -9.45 15.91
CA GLU A 177 5.74 -9.98 16.93
C GLU A 177 4.27 -9.81 16.56
N TRP A 178 3.91 -8.64 16.07
CA TRP A 178 2.53 -8.35 15.73
C TRP A 178 2.08 -8.94 14.41
N ALA A 179 3.00 -9.08 13.45
CA ALA A 179 2.67 -9.78 12.21
C ALA A 179 2.33 -11.24 12.54
N ALA A 180 3.09 -11.83 13.45
CA ALA A 180 2.85 -13.22 13.87
C ALA A 180 1.50 -13.30 14.60
N GLN A 181 1.27 -12.40 15.56
CA GLN A 181 0.07 -12.45 16.38
C GLN A 181 -1.20 -12.20 15.59
N LEU A 182 -1.15 -11.26 14.66
CA LEU A 182 -2.31 -10.92 13.83
C LEU A 182 -2.47 -11.84 12.61
N GLN A 183 -1.37 -12.53 12.26
CA GLN A 183 -1.26 -13.28 10.99
C GLN A 183 -1.56 -12.40 9.77
N THR A 184 -0.89 -11.26 9.73
CA THR A 184 -0.94 -10.30 8.63
C THR A 184 0.47 -9.93 8.28
N VAL A 185 0.66 -9.44 7.06
CA VAL A 185 1.89 -8.77 6.70
C VAL A 185 1.81 -7.40 7.35
N ILE A 186 2.91 -6.94 7.93
CA ILE A 186 3.02 -5.56 8.41
C ILE A 186 4.18 -4.85 7.75
N VAL A 187 3.87 -3.78 6.99
CA VAL A 187 4.84 -2.85 6.44
C VAL A 187 4.83 -1.64 7.40
N LEU A 188 5.78 -1.64 8.33
CA LEU A 188 5.92 -0.62 9.35
C LEU A 188 6.85 0.45 8.80
N LYS A 189 6.24 1.55 8.41
CA LYS A 189 6.93 2.63 7.72
C LYS A 189 7.83 3.43 8.66
N GLY A 190 8.82 4.06 8.05
CA GLY A 190 9.78 4.90 8.76
C GLY A 190 11.06 4.91 7.96
N ASN A 191 12.12 5.46 8.52
CA ASN A 191 13.42 5.20 7.97
C ASN A 191 13.61 3.68 8.22
N GLN A 192 14.18 2.99 7.26
CA GLN A 192 14.28 1.55 7.23
C GLN A 192 12.92 0.93 7.58
N THR A 193 11.99 1.09 6.64
CA THR A 193 10.68 0.43 6.72
C THR A 193 10.91 -1.09 6.94
N VAL A 194 10.15 -1.65 7.87
CA VAL A 194 10.20 -3.08 8.15
C VAL A 194 9.06 -3.77 7.40
N ILE A 195 9.36 -4.89 6.72
CA ILE A 195 8.35 -5.71 6.08
C ILE A 195 8.38 -7.06 6.80
N ALA A 196 7.38 -7.25 7.66
CA ALA A 196 7.24 -8.44 8.47
C ALA A 196 6.09 -9.30 7.97
N PHE A 197 6.40 -10.56 7.71
CA PHE A 197 5.42 -11.56 7.26
C PHE A 197 4.94 -12.49 8.37
N PRO A 198 3.70 -12.98 8.23
CA PRO A 198 3.11 -13.81 9.30
C PRO A 198 3.77 -15.13 9.46
N ASP A 199 4.55 -15.56 8.46
CA ASP A 199 5.29 -16.82 8.56
C ASP A 199 6.66 -16.64 9.24
N GLY A 200 6.92 -15.41 9.70
CA GLY A 200 8.15 -15.11 10.41
C GLY A 200 9.25 -14.53 9.56
N ASP A 201 9.10 -14.58 8.23
CA ASP A 201 10.12 -13.88 7.38
C ASP A 201 10.03 -12.38 7.71
N CYS A 202 11.17 -11.70 7.67
CA CYS A 202 11.18 -10.25 7.92
C CYS A 202 12.37 -9.63 7.21
N TRP A 203 12.14 -8.44 6.64
CA TRP A 203 13.13 -7.72 5.87
C TRP A 203 13.09 -6.26 6.25
N LEU A 204 14.21 -5.58 6.02
CA LEU A 204 14.27 -4.11 6.07
C LEU A 204 14.43 -3.55 4.67
N ASN A 205 13.82 -2.40 4.42
CA ASN A 205 13.98 -1.75 3.13
C ASN A 205 15.17 -0.80 3.16
N PRO A 206 16.10 -0.89 2.18
CA PRO A 206 17.28 -0.06 2.25
C PRO A 206 17.18 1.30 1.54
N THR A 207 16.07 1.55 0.85
CA THR A 207 15.96 2.72 -0.01
C THR A 207 15.12 3.79 0.67
N GLY A 208 15.21 5.00 0.13
CA GLY A 208 14.47 6.10 0.63
C GLY A 208 15.29 7.11 1.41
N ASN A 209 14.63 8.22 1.68
CA ASN A 209 15.21 9.34 2.41
C ASN A 209 14.14 10.25 2.94
N GLY A 210 14.56 11.36 3.55
CA GLY A 210 13.61 12.25 4.21
C GLY A 210 12.64 12.94 3.29
N ALA A 211 12.84 12.82 1.97
CA ALA A 211 11.89 13.43 1.04
C ALA A 211 10.51 12.79 1.20
N LEU A 212 10.47 11.57 1.72
CA LEU A 212 9.25 10.82 1.89
C LEU A 212 8.45 11.23 3.12
N ALA A 213 9.05 12.03 4.00
CA ALA A 213 8.42 12.43 5.24
C ALA A 213 7.53 13.64 4.98
N LYS A 214 6.49 13.40 4.20
CA LYS A 214 5.49 14.43 3.86
C LYS A 214 4.21 13.75 3.48
N GLY A 215 3.07 14.42 3.76
CA GLY A 215 1.79 13.88 3.42
C GLY A 215 1.65 13.42 2.00
N GLY A 216 1.04 12.26 1.84
CA GLY A 216 0.72 11.69 0.56
C GLY A 216 1.62 10.55 0.10
N THR A 217 2.83 10.45 0.66
CA THR A 217 3.72 9.44 0.17
C THR A 217 3.25 8.03 0.56
N GLY A 218 2.49 7.91 1.65
CA GLY A 218 1.97 6.62 2.04
C GLY A 218 0.81 6.20 1.13
N ASP A 219 0.01 7.16 0.68
CA ASP A 219 -1.07 6.89 -0.27
C ASP A 219 -0.48 6.34 -1.57
N THR A 220 0.61 6.95 -2.03
CA THR A 220 1.31 6.50 -3.24
C THR A 220 1.81 5.06 -3.03
N LEU A 221 2.43 4.80 -1.88
CA LEU A 221 2.94 3.45 -1.61
C LEU A 221 1.85 2.42 -1.65
N THR A 222 0.70 2.71 -1.03
CA THR A 222 -0.39 1.76 -1.01
C THR A 222 -0.82 1.40 -2.44
N GLY A 223 -0.93 2.41 -3.28
CA GLY A 223 -1.22 2.16 -4.68
C GLY A 223 -0.18 1.32 -5.38
N MET A 224 1.09 1.61 -5.11
CA MET A 224 2.17 0.82 -5.71
C MET A 224 2.12 -0.65 -5.33
N ILE A 225 1.90 -0.92 -4.06
CA ILE A 225 1.68 -2.30 -3.61
C ILE A 225 0.51 -2.93 -4.35
N LEU A 226 -0.63 -2.23 -4.41
CA LEU A 226 -1.80 -2.72 -5.10
C LEU A 226 -1.48 -3.14 -6.54
N GLY A 227 -0.85 -2.26 -7.31
CA GLY A 227 -0.48 -2.62 -8.66
C GLY A 227 0.51 -3.77 -8.77
N MET A 228 1.52 -3.77 -7.91
CA MET A 228 2.52 -4.83 -7.95
C MET A 228 1.92 -6.19 -7.63
N LEU A 229 0.93 -6.24 -6.77
CA LEU A 229 0.20 -7.50 -6.48
C LEU A 229 -0.44 -8.08 -7.72
N CYS A 230 -0.73 -7.22 -8.69
CA CYS A 230 -1.39 -7.66 -9.91
C CYS A 230 -0.41 -8.16 -11.01
N CYS A 231 0.88 -7.88 -10.89
CA CYS A 231 1.84 -8.35 -11.89
C CYS A 231 2.89 -9.29 -11.37
N HIS A 232 2.95 -9.51 -10.04
CA HIS A 232 3.85 -10.53 -9.47
C HIS A 232 3.02 -11.76 -9.11
N GLU A 233 3.48 -12.95 -9.44
CA GLU A 233 2.81 -14.15 -8.95
C GLU A 233 2.94 -14.34 -7.44
N ASP A 234 4.07 -13.91 -6.88
CA ASP A 234 4.32 -14.06 -5.46
C ASP A 234 4.04 -12.75 -4.73
N PRO A 235 2.97 -12.69 -3.95
CA PRO A 235 2.57 -11.42 -3.32
C PRO A 235 3.62 -10.90 -2.35
N LYS A 236 4.46 -11.79 -1.80
CA LYS A 236 5.51 -11.33 -0.93
C LYS A 236 6.49 -10.45 -1.68
N HIS A 237 6.87 -10.89 -2.88
CA HIS A 237 7.80 -10.12 -3.74
C HIS A 237 7.16 -8.81 -4.18
N ALA A 238 5.83 -8.81 -4.42
CA ALA A 238 5.13 -7.60 -4.80
C ALA A 238 5.31 -6.54 -3.70
N VAL A 239 5.06 -6.94 -2.45
CA VAL A 239 5.15 -6.00 -1.33
C VAL A 239 6.59 -5.46 -1.19
N LEU A 240 7.54 -6.37 -1.17
CA LEU A 240 8.95 -6.01 -1.01
C LEU A 240 9.42 -5.08 -2.15
N ASN A 241 9.08 -5.43 -3.38
CA ASN A 241 9.50 -4.63 -4.54
C ASN A 241 8.84 -3.24 -4.55
N ALA A 242 7.59 -3.17 -4.10
CA ALA A 242 6.89 -1.88 -4.07
C ALA A 242 7.57 -0.95 -3.06
N VAL A 243 7.87 -1.48 -1.89
CA VAL A 243 8.48 -0.65 -0.83
C VAL A 243 9.83 -0.21 -1.32
N TYR A 244 10.56 -1.11 -1.95
CA TYR A 244 11.90 -0.83 -2.44
C TYR A 244 11.87 0.25 -3.52
N LEU A 245 11.04 0.04 -4.54
CA LEU A 245 11.02 1.01 -5.66
C LEU A 245 10.47 2.37 -5.24
N HIS A 246 9.50 2.39 -4.31
CA HIS A 246 8.99 3.66 -3.77
C HIS A 246 10.13 4.49 -3.15
N GLY A 247 10.97 3.84 -2.37
CA GLY A 247 12.11 4.55 -1.81
C GLY A 247 13.16 4.94 -2.86
N ALA A 248 13.35 4.07 -3.85
CA ALA A 248 14.33 4.32 -4.90
C ALA A 248 13.91 5.54 -5.74
N CYS A 249 12.61 5.76 -5.86
CA CYS A 249 12.10 6.97 -6.54
C CYS A 249 12.50 8.28 -5.81
N ALA A 250 12.43 8.25 -4.47
CA ALA A 250 12.84 9.40 -3.66
C ALA A 250 14.33 9.63 -3.79
N GLU A 251 15.09 8.55 -3.87
CA GLU A 251 16.53 8.70 -4.03
C GLU A 251 16.89 9.29 -5.38
N LEU A 252 16.24 8.84 -6.44
CA LEU A 252 16.48 9.43 -7.76
C LEU A 252 16.15 10.92 -7.72
N TRP A 253 15.00 11.28 -7.14
CA TRP A 253 14.60 12.68 -6.99
C TRP A 253 15.70 13.52 -6.38
N THR A 254 16.30 13.08 -5.28
CA THR A 254 17.27 13.92 -4.58
C THR A 254 18.61 14.08 -5.31
N ASP A 255 18.81 13.38 -6.43
CA ASP A 255 20.04 13.60 -7.20
C ASP A 255 20.14 15.04 -7.71
N GLU A 256 19.02 15.62 -8.13
CA GLU A 256 18.99 16.97 -8.69
C GLU A 256 17.99 17.94 -8.05
N HIS A 257 17.27 17.44 -7.08
CA HIS A 257 16.21 18.21 -6.40
C HIS A 257 16.37 18.12 -4.88
N SER A 258 16.05 19.19 -4.17
CA SER A 258 16.10 19.13 -2.72
C SER A 258 15.10 18.14 -2.14
N ALA A 259 15.54 17.37 -1.14
CA ALA A 259 14.67 16.49 -0.41
C ALA A 259 13.50 17.16 0.26
N HIS A 260 13.60 18.46 0.54
CA HIS A 260 12.47 19.19 1.13
C HIS A 260 11.30 19.44 0.20
N THR A 261 11.49 19.25 -1.09
CA THR A 261 10.59 19.76 -2.11
C THR A 261 9.77 18.74 -2.90
N LEU A 262 9.93 17.47 -2.60
CA LEU A 262 9.20 16.41 -3.30
C LEU A 262 7.72 16.44 -3.00
N LEU A 263 6.92 16.26 -4.02
CA LEU A 263 5.48 16.01 -3.85
C LEU A 263 5.22 14.53 -4.17
N ALA A 264 4.40 13.85 -3.37
CA ALA A 264 4.18 12.43 -3.49
C ALA A 264 3.86 11.97 -4.89
N HIS A 265 3.00 12.68 -5.60
CA HIS A 265 2.61 12.24 -6.96
C HIS A 265 3.80 12.11 -7.88
N GLU A 266 4.85 12.86 -7.60
CA GLU A 266 6.06 12.77 -8.41
C GLU A 266 6.77 11.43 -8.30
N LEU A 267 6.59 10.72 -7.18
CA LEU A 267 7.16 9.37 -7.04
C LEU A 267 6.61 8.47 -8.14
N SER A 268 5.33 8.59 -8.41
CA SER A 268 4.67 7.85 -9.48
C SER A 268 5.17 8.21 -10.88
N ASP A 269 5.48 9.48 -11.07
CA ASP A 269 5.98 10.05 -12.30
C ASP A 269 7.44 9.53 -12.55
N ILE A 270 8.19 9.29 -11.48
CA ILE A 270 9.60 8.86 -11.54
C ILE A 270 9.76 7.34 -11.68
N LEU A 271 8.77 6.61 -11.17
CA LEU A 271 8.77 5.16 -11.16
C LEU A 271 9.06 4.55 -12.54
N PRO A 272 8.49 5.10 -13.63
CA PRO A 272 8.80 4.47 -14.95
C PRO A 272 10.29 4.31 -15.25
N ARG A 273 11.04 5.36 -14.98
CA ARG A 273 12.49 5.36 -15.23
C ARG A 273 13.23 4.52 -14.22
N VAL A 274 12.82 4.61 -12.96
CA VAL A 274 13.49 3.85 -11.90
C VAL A 274 13.31 2.35 -12.12
N TRP A 275 12.07 1.92 -12.40
CA TRP A 275 11.78 0.50 -12.65
C TRP A 275 12.63 -0.03 -13.82
N LYS A 276 12.77 0.76 -14.89
CA LYS A 276 13.55 0.37 -16.06
C LYS A 276 14.99 -0.04 -15.66
N ARG A 277 15.57 0.70 -14.72
CA ARG A 277 16.95 0.44 -14.28
C ARG A 277 17.15 -0.94 -13.66
N PHE A 278 16.07 -1.52 -13.12
CA PHE A 278 16.12 -2.80 -12.41
C PHE A 278 15.71 -3.98 -13.30
N GLU A 279 15.51 -3.70 -14.59
CA GLU A 279 15.15 -4.72 -15.57
C GLU A 279 16.42 -5.20 -16.29
#